data_3M1F
#
_entry.id   3M1F
#
_cell.length_a   66.606
_cell.length_b   76.363
_cell.length_c   86.137
_cell.angle_alpha   90.00
_cell.angle_beta   90.00
_cell.angle_gamma   90.00
#
_symmetry.space_group_name_H-M   'P 21 21 21'
#
loop_
_entity.id
_entity.type
_entity.pdbx_description
1 polymer 'Actin, alpha skeletal muscle'
2 polymer 'Putative uncharacterized protein VPA1370'
3 non-polymer "ADENOSINE-5'-TRIPHOSPHATE"
4 non-polymer 'CALCIUM ION'
#
loop_
_entity_poly.entity_id
_entity_poly.type
_entity_poly.pdbx_seq_one_letter_code
_entity_poly.pdbx_strand_id
1 'polypeptide(L)'
;DEDETTALVCDNGSGLVKAGFAGDDAPRAVFPSIVGRPRHQGVMVGMGQKDSYVGDEAQSKRGILTLKYPIE(HIC)GII
TNWDDMEKIWHHTFYNELRVAPEEHPTLLTEAPLNPKANREKMTQIMFETFNVPAMYVAIQAVLSLYASGRTTGIVLDSG
DGVTHNVPIYEGYALPHAIMRLDLAGRDLTDYLMKILTERGYSFVTTAEREIVRDIKEKLCYVALDFENEMATAASSSSL
EKSYELPDGQVITIGNERFRCPETLFQPSFIGMESAGIHETTYNSIMKCDIDIRKDLYANNVMSGGTTMYPGIADRMQKE
ITALAPSTMKIKIIAPPERKYSVWIGGSILASLSTFQQMWITKQEYDEAGPSIVHRKCF
;
A
2 'polypeptide(L)' SCNEDHSKLMEQIRQGVKLKSATKSLSADKS V
#
loop_
_chem_comp.id
_chem_comp.type
_chem_comp.name
_chem_comp.formula
ATP non-polymer ADENOSINE-5'-TRIPHOSPHATE 'C10 H16 N5 O13 P3'
CA non-polymer 'CALCIUM ION' 'Ca 2'
#
# COMPACT_ATOMS: atom_id res chain seq x y z
N ASP A 3 14.03 -21.72 6.02
CA ASP A 3 12.88 -21.19 6.75
C ASP A 3 11.67 -22.15 6.75
N GLU A 4 11.49 -22.81 7.90
CA GLU A 4 10.40 -23.76 8.11
C GLU A 4 9.92 -23.61 9.55
N THR A 5 8.63 -23.81 9.78
CA THR A 5 8.01 -23.54 11.09
C THR A 5 8.13 -22.05 11.48
N THR A 6 8.47 -21.22 10.50
CA THR A 6 8.55 -19.78 10.71
C THR A 6 7.26 -19.11 10.23
N ALA A 7 7.10 -17.83 10.53
CA ALA A 7 5.86 -17.13 10.21
C ALA A 7 5.87 -16.56 8.78
N LEU A 8 4.69 -16.47 8.18
CA LEU A 8 4.54 -15.90 6.85
C LEU A 8 3.85 -14.54 6.93
N VAL A 9 4.24 -13.65 6.04
CA VAL A 9 3.65 -12.31 5.97
C VAL A 9 3.13 -12.10 4.58
N CYS A 10 1.87 -11.70 4.49
CA CYS A 10 1.22 -11.58 3.20
C CYS A 10 0.41 -10.29 3.12
N ASP A 11 0.92 -9.33 2.35
CA ASP A 11 0.25 -8.05 2.17
C ASP A 11 -0.37 -7.97 0.79
N ASN A 12 -1.70 -7.99 0.72
CA ASN A 12 -2.40 -7.99 -0.56
C ASN A 12 -2.87 -6.60 -1.00
N GLY A 13 -2.10 -5.97 -1.88
CA GLY A 13 -2.48 -4.68 -2.41
C GLY A 13 -3.49 -4.83 -3.53
N SER A 14 -4.07 -3.70 -3.94
CA SER A 14 -5.02 -3.69 -5.03
C SER A 14 -4.35 -4.12 -6.32
N GLY A 15 -3.09 -3.70 -6.48
CA GLY A 15 -2.36 -4.00 -7.69
C GLY A 15 -1.28 -5.04 -7.49
N LEU A 16 -0.65 -5.02 -6.32
CA LEU A 16 0.50 -5.87 -6.06
C LEU A 16 0.32 -6.72 -4.81
N VAL A 17 0.74 -7.97 -4.89
CA VAL A 17 0.86 -8.82 -3.72
C VAL A 17 2.32 -8.86 -3.26
N LYS A 18 2.54 -8.64 -1.97
CA LYS A 18 3.87 -8.74 -1.38
C LYS A 18 3.85 -9.89 -0.39
N ALA A 19 4.75 -10.83 -0.51
CA ALA A 19 4.76 -11.95 0.42
C ALA A 19 6.17 -12.44 0.76
N GLY A 20 6.34 -12.97 1.96
CA GLY A 20 7.65 -13.47 2.35
C GLY A 20 7.64 -14.11 3.72
N PHE A 21 8.80 -14.09 4.36
CA PHE A 21 8.95 -14.71 5.67
C PHE A 21 9.23 -13.64 6.72
N ALA A 22 8.62 -13.81 7.89
CA ALA A 22 8.86 -12.91 9.01
C ALA A 22 10.31 -13.00 9.42
N GLY A 23 10.91 -11.85 9.70
CA GLY A 23 12.34 -11.78 10.00
C GLY A 23 13.15 -11.30 8.82
N ASP A 24 12.59 -11.41 7.62
CA ASP A 24 13.30 -10.98 6.40
C ASP A 24 13.11 -9.48 6.16
N ASP A 25 14.11 -8.85 5.57
CA ASP A 25 14.11 -7.40 5.43
C ASP A 25 13.29 -6.96 4.22
N ALA A 26 12.74 -7.93 3.50
CA ALA A 26 12.00 -7.65 2.28
C ALA A 26 11.20 -8.84 1.75
N PRO A 27 10.14 -8.55 0.99
CA PRO A 27 9.29 -9.55 0.33
C PRO A 27 10.09 -10.39 -0.67
N ARG A 28 10.08 -11.70 -0.51
CA ARG A 28 10.70 -12.57 -1.49
C ARG A 28 9.87 -12.66 -2.75
N ALA A 29 8.61 -12.27 -2.66
CA ALA A 29 7.69 -12.41 -3.79
C ALA A 29 6.78 -11.20 -3.96
N VAL A 30 6.90 -10.57 -5.11
CA VAL A 30 6.06 -9.43 -5.46
C VAL A 30 5.50 -9.65 -6.87
N PHE A 31 4.20 -9.91 -6.94
CA PHE A 31 3.57 -10.24 -8.21
C PHE A 31 2.20 -9.60 -8.35
N PRO A 32 1.80 -9.31 -9.59
CA PRO A 32 0.52 -8.64 -9.85
C PRO A 32 -0.66 -9.37 -9.22
N SER A 33 -1.53 -8.59 -8.61
CA SER A 33 -2.68 -9.09 -7.90
C SER A 33 -3.82 -9.32 -8.89
N ILE A 34 -3.63 -10.25 -9.81
CA ILE A 34 -4.65 -10.51 -10.82
C ILE A 34 -4.78 -12.00 -11.15
N VAL A 35 -6.00 -12.43 -11.43
CA VAL A 35 -6.28 -13.82 -11.78
C VAL A 35 -7.02 -13.93 -13.11
N GLY A 36 -6.54 -14.81 -13.98
CA GLY A 36 -7.14 -14.98 -15.29
C GLY A 36 -7.67 -16.37 -15.55
N ARG A 37 -8.91 -16.45 -16.02
CA ARG A 37 -9.50 -17.74 -16.34
C ARG A 37 -9.73 -17.83 -17.85
N PRO A 38 -9.74 -19.06 -18.39
CA PRO A 38 -9.86 -19.25 -19.83
C PRO A 38 -11.05 -18.45 -20.34
N ARG A 39 -10.84 -17.61 -21.34
CA ARG A 39 -11.91 -16.78 -21.87
C ARG A 39 -13.00 -17.63 -22.52
N HIS A 40 -12.62 -18.75 -23.10
CA HIS A 40 -13.55 -19.66 -23.77
C HIS A 40 -13.23 -21.13 -23.45
N GLN A 41 -14.15 -22.03 -23.80
CA GLN A 41 -13.90 -23.46 -23.70
C GLN A 41 -14.54 -24.24 -24.85
N LYS A 50 -4.73 -25.65 -18.55
CA LYS A 50 -5.33 -25.73 -17.23
C LYS A 50 -6.38 -24.63 -16.99
N ASP A 51 -6.93 -24.60 -15.78
CA ASP A 51 -8.16 -23.84 -15.51
C ASP A 51 -7.99 -22.42 -14.95
N SER A 52 -6.79 -22.06 -14.50
CA SER A 52 -6.56 -20.72 -13.95
C SER A 52 -5.09 -20.30 -13.99
N TYR A 53 -4.88 -19.01 -14.21
CA TYR A 53 -3.55 -18.41 -14.14
C TYR A 53 -3.54 -17.24 -13.16
N VAL A 54 -2.38 -16.97 -12.58
CA VAL A 54 -2.25 -15.83 -11.67
C VAL A 54 -0.94 -15.11 -11.93
N GLY A 55 -0.92 -13.80 -11.71
CA GLY A 55 0.31 -13.03 -11.76
C GLY A 55 0.86 -12.70 -13.12
N ASP A 56 2.18 -12.73 -13.25
CA ASP A 56 2.87 -12.37 -14.49
C ASP A 56 2.46 -13.25 -15.66
N GLU A 57 2.17 -14.51 -15.37
CA GLU A 57 1.87 -15.48 -16.41
C GLU A 57 0.48 -15.23 -16.94
N ALA A 58 -0.38 -14.68 -16.08
CA ALA A 58 -1.76 -14.41 -16.43
C ALA A 58 -1.85 -13.28 -17.45
N GLN A 59 -1.00 -12.28 -17.31
CA GLN A 59 -0.97 -11.18 -18.28
C GLN A 59 -0.12 -11.54 -19.49
N SER A 60 0.83 -12.45 -19.29
CA SER A 60 1.61 -12.95 -20.41
C SER A 60 0.66 -13.55 -21.42
N LYS A 61 -0.42 -14.17 -20.92
CA LYS A 61 -1.42 -14.80 -21.77
C LYS A 61 -2.77 -14.10 -21.69
N ARG A 62 -2.75 -12.80 -21.37
CA ARG A 62 -3.99 -12.04 -21.23
C ARG A 62 -4.90 -12.28 -22.42
N GLY A 63 -4.27 -12.49 -23.58
CA GLY A 63 -4.97 -12.59 -24.85
C GLY A 63 -6.01 -13.67 -24.93
N ILE A 64 -5.86 -14.74 -24.15
CA ILE A 64 -6.80 -15.85 -24.19
C ILE A 64 -7.52 -16.08 -22.86
N LEU A 65 -7.52 -15.05 -22.00
CA LEU A 65 -8.13 -15.15 -20.69
C LEU A 65 -8.98 -13.93 -20.38
N THR A 66 -9.86 -14.09 -19.40
CA THR A 66 -10.54 -12.96 -18.80
C THR A 66 -9.82 -12.62 -17.51
N LEU A 67 -9.11 -11.51 -17.50
CA LEU A 67 -8.38 -11.09 -16.30
C LEU A 67 -9.29 -10.38 -15.31
N LYS A 68 -9.03 -10.60 -14.02
CA LYS A 68 -9.82 -9.97 -12.99
C LYS A 68 -8.95 -9.60 -11.79
N TYR A 69 -9.42 -8.61 -11.03
CA TYR A 69 -8.70 -8.11 -9.86
C TYR A 69 -9.54 -8.33 -8.62
N PRO A 70 -9.14 -9.31 -7.80
CA PRO A 70 -9.88 -9.60 -6.57
C PRO A 70 -9.92 -8.40 -5.64
N ILE A 71 -8.88 -7.58 -5.66
CA ILE A 71 -8.77 -6.45 -4.76
C ILE A 71 -9.09 -5.15 -5.45
N GLU A 72 -10.22 -4.56 -5.08
CA GLU A 72 -10.63 -3.27 -5.64
C GLU A 72 -10.79 -2.24 -4.53
N HIC A 73 -9.99 -1.17 -4.60
CA HIC A 73 -10.02 -0.13 -3.55
C HIC A 73 -9.39 -0.59 -2.29
O HIC A 73 -9.66 -0.07 -1.22
CB HIC A 73 -11.37 0.58 -3.38
CG HIC A 73 -11.85 1.44 -4.52
ND1 HIC A 73 -11.26 2.65 -4.97
CD2 HIC A 73 -13.02 1.18 -5.36
CE1 HIC A 73 -12.01 3.14 -6.04
NE2 HIC A 73 -13.12 2.20 -6.29
CZ HIC A 73 -14.11 2.31 -7.28
N GLY A 74 -8.53 -1.61 -2.40
CA GLY A 74 -7.86 -2.19 -1.26
C GLY A 74 -8.71 -3.22 -0.52
N ILE A 75 -9.96 -3.38 -0.97
CA ILE A 75 -10.91 -4.31 -0.36
C ILE A 75 -11.08 -5.55 -1.23
N ILE A 76 -11.14 -6.73 -0.59
CA ILE A 76 -11.36 -7.97 -1.34
C ILE A 76 -12.80 -8.08 -1.81
N THR A 77 -13.01 -8.26 -3.11
CA THR A 77 -14.37 -8.30 -3.63
C THR A 77 -14.70 -9.63 -4.30
N ASN A 78 -13.67 -10.36 -4.72
CA ASN A 78 -13.90 -11.66 -5.34
C ASN A 78 -13.19 -12.73 -4.53
N TRP A 79 -13.96 -13.47 -3.74
CA TRP A 79 -13.37 -14.42 -2.82
C TRP A 79 -12.80 -15.66 -3.51
N ASP A 80 -13.44 -16.11 -4.58
CA ASP A 80 -12.91 -17.23 -5.35
C ASP A 80 -11.56 -16.91 -5.94
N ASP A 81 -11.46 -15.75 -6.59
CA ASP A 81 -10.23 -15.33 -7.22
C ASP A 81 -9.16 -15.08 -6.16
N MET A 82 -9.56 -14.49 -5.05
CA MET A 82 -8.65 -14.25 -3.95
C MET A 82 -8.04 -15.55 -3.44
N GLU A 83 -8.83 -16.63 -3.43
CA GLU A 83 -8.31 -17.94 -3.07
C GLU A 83 -7.18 -18.36 -4.00
N LYS A 84 -7.39 -18.16 -5.30
CA LYS A 84 -6.40 -18.59 -6.28
C LYS A 84 -5.10 -17.82 -6.07
N ILE A 85 -5.22 -16.59 -5.59
CA ILE A 85 -4.06 -15.75 -5.35
C ILE A 85 -3.25 -16.29 -4.18
N TRP A 86 -3.94 -16.56 -3.08
CA TRP A 86 -3.31 -17.17 -1.92
C TRP A 86 -2.70 -18.53 -2.23
N HIS A 87 -3.38 -19.34 -3.03
CA HIS A 87 -2.81 -20.62 -3.44
C HIS A 87 -1.50 -20.39 -4.15
N HIS A 88 -1.55 -19.54 -5.17
CA HIS A 88 -0.37 -19.22 -5.95
C HIS A 88 0.71 -18.64 -5.06
N THR A 89 0.33 -17.91 -4.02
CA THR A 89 1.31 -17.34 -3.11
C THR A 89 2.08 -18.43 -2.39
N PHE A 90 1.35 -19.30 -1.68
CA PHE A 90 1.99 -20.40 -0.95
C PHE A 90 2.66 -21.40 -1.86
N TYR A 91 1.87 -22.09 -2.68
CA TYR A 91 2.40 -23.21 -3.44
C TYR A 91 3.41 -22.80 -4.51
N ASN A 92 3.12 -21.72 -5.22
CA ASN A 92 3.90 -21.36 -6.42
C ASN A 92 4.95 -20.28 -6.26
N GLU A 93 4.85 -19.44 -5.23
CA GLU A 93 5.83 -18.35 -5.06
C GLU A 93 6.80 -18.63 -3.93
N LEU A 94 6.25 -18.84 -2.74
CA LEU A 94 7.03 -19.09 -1.54
C LEU A 94 7.45 -20.54 -1.45
N ARG A 95 6.74 -21.40 -2.18
CA ARG A 95 6.95 -22.85 -2.15
C ARG A 95 6.88 -23.38 -0.73
N VAL A 96 5.76 -23.13 -0.06
CA VAL A 96 5.58 -23.58 1.31
C VAL A 96 4.22 -24.25 1.49
N ALA A 97 4.05 -24.93 2.62
CA ALA A 97 2.76 -25.49 3.00
C ALA A 97 2.14 -24.65 4.10
N PRO A 98 0.96 -24.10 3.84
CA PRO A 98 0.27 -23.20 4.78
C PRO A 98 0.07 -23.82 6.16
N GLU A 99 -0.12 -25.13 6.23
CA GLU A 99 -0.52 -25.76 7.49
C GLU A 99 0.61 -25.88 8.51
N GLU A 100 1.81 -25.48 8.13
CA GLU A 100 2.91 -25.49 9.08
C GLU A 100 3.56 -24.12 9.26
N HIS A 101 2.82 -23.07 8.92
CA HIS A 101 3.30 -21.70 9.08
C HIS A 101 2.21 -20.76 9.59
N PRO A 102 2.41 -20.19 10.78
CA PRO A 102 1.52 -19.09 11.17
C PRO A 102 1.56 -18.05 10.06
N THR A 103 0.42 -17.47 9.69
CA THR A 103 0.36 -16.52 8.58
C THR A 103 -0.28 -15.20 8.96
N LEU A 104 0.48 -14.12 8.86
CA LEU A 104 -0.05 -12.78 9.13
C LEU A 104 -0.55 -12.18 7.83
N LEU A 105 -1.74 -11.60 7.86
CA LEU A 105 -2.33 -11.01 6.67
C LEU A 105 -2.69 -9.55 6.92
N THR A 106 -2.83 -8.79 5.84
CA THR A 106 -3.06 -7.36 5.95
C THR A 106 -4.38 -6.98 5.31
N GLU A 107 -4.97 -5.91 5.82
CA GLU A 107 -6.26 -5.45 5.37
C GLU A 107 -6.30 -3.93 5.27
N ALA A 108 -7.27 -3.40 4.53
CA ALA A 108 -7.41 -1.97 4.38
C ALA A 108 -8.06 -1.38 5.63
N PRO A 109 -7.74 -0.12 5.92
CA PRO A 109 -8.53 0.63 6.88
C PRO A 109 -10.01 0.47 6.51
N LEU A 110 -10.88 0.43 7.51
CA LEU A 110 -12.31 0.42 7.26
C LEU A 110 -12.78 -0.83 6.54
N ASN A 111 -12.04 -1.91 6.72
CA ASN A 111 -12.44 -3.18 6.16
C ASN A 111 -13.64 -3.69 6.93
N PRO A 112 -14.75 -3.96 6.23
CA PRO A 112 -15.97 -4.46 6.89
C PRO A 112 -15.69 -5.73 7.71
N LYS A 113 -16.40 -5.91 8.82
CA LYS A 113 -16.13 -7.03 9.71
C LYS A 113 -16.41 -8.37 9.04
N ALA A 114 -17.41 -8.39 8.17
CA ALA A 114 -17.79 -9.62 7.49
C ALA A 114 -16.66 -10.11 6.59
N ASN A 115 -15.89 -9.16 6.06
CA ASN A 115 -14.73 -9.45 5.22
C ASN A 115 -13.60 -10.09 6.02
N ARG A 116 -13.25 -9.44 7.12
CA ARG A 116 -12.19 -9.93 7.99
C ARG A 116 -12.51 -11.35 8.41
N GLU A 117 -13.76 -11.59 8.78
CA GLU A 117 -14.16 -12.89 9.26
C GLU A 117 -14.14 -13.91 8.13
N LYS A 118 -14.52 -13.45 6.95
CA LYS A 118 -14.57 -14.33 5.78
C LYS A 118 -13.16 -14.77 5.46
N MET A 119 -12.22 -13.86 5.65
CA MET A 119 -10.82 -14.12 5.39
C MET A 119 -10.24 -15.07 6.45
N THR A 120 -10.51 -14.79 7.73
CA THR A 120 -10.08 -15.66 8.80
C THR A 120 -10.62 -17.06 8.58
N GLN A 121 -11.85 -17.11 8.09
CA GLN A 121 -12.59 -18.36 7.90
C GLN A 121 -11.99 -19.23 6.80
N ILE A 122 -11.50 -18.59 5.76
CA ILE A 122 -10.88 -19.30 4.65
C ILE A 122 -9.51 -19.80 5.04
N MET A 123 -8.72 -18.93 5.65
CA MET A 123 -7.39 -19.26 6.09
C MET A 123 -7.38 -20.50 6.95
N PHE A 124 -8.40 -20.64 7.78
CA PHE A 124 -8.46 -21.79 8.65
C PHE A 124 -9.05 -23.02 7.95
N GLU A 125 -10.29 -22.92 7.50
CA GLU A 125 -10.95 -24.05 6.88
C GLU A 125 -10.31 -24.54 5.58
N THR A 126 -9.94 -23.62 4.70
CA THR A 126 -9.42 -24.01 3.39
C THR A 126 -7.90 -24.24 3.36
N PHE A 127 -7.14 -23.38 4.02
CA PHE A 127 -5.68 -23.51 4.01
C PHE A 127 -5.13 -24.22 5.25
N ASN A 128 -5.92 -24.24 6.31
CA ASN A 128 -5.54 -24.99 7.51
C ASN A 128 -4.23 -24.53 8.12
N VAL A 129 -4.01 -23.21 8.11
CA VAL A 129 -2.84 -22.64 8.75
C VAL A 129 -3.01 -22.81 10.25
N PRO A 130 -1.89 -23.05 10.97
CA PRO A 130 -1.96 -23.32 12.40
C PRO A 130 -2.44 -22.10 13.20
N ALA A 131 -2.02 -20.92 12.76
CA ALA A 131 -2.32 -19.66 13.43
C ALA A 131 -2.36 -18.52 12.43
N MET A 132 -3.11 -17.48 12.74
CA MET A 132 -3.16 -16.33 11.85
C MET A 132 -3.45 -15.02 12.58
N TYR A 133 -3.21 -13.92 11.88
CA TYR A 133 -3.49 -12.60 12.42
C TYR A 133 -3.83 -11.66 11.27
N VAL A 134 -4.78 -10.76 11.50
CA VAL A 134 -5.04 -9.73 10.50
C VAL A 134 -4.65 -8.38 11.07
N ALA A 135 -3.81 -7.67 10.34
CA ALA A 135 -3.36 -6.35 10.77
C ALA A 135 -3.69 -5.32 9.69
N ILE A 136 -3.98 -4.09 10.13
CA ILE A 136 -4.29 -2.99 9.23
C ILE A 136 -3.04 -2.39 8.57
N GLN A 137 -2.99 -2.42 7.24
CA GLN A 137 -1.81 -2.05 6.48
C GLN A 137 -1.11 -0.78 6.95
N ALA A 138 -1.87 0.30 7.09
CA ALA A 138 -1.29 1.58 7.52
C ALA A 138 -0.49 1.43 8.82
N VAL A 139 -1.06 0.73 9.79
CA VAL A 139 -0.39 0.52 11.08
C VAL A 139 1.00 -0.10 10.89
N LEU A 140 1.08 -1.15 10.07
CA LEU A 140 2.36 -1.81 9.84
C LEU A 140 3.39 -0.81 9.33
N SER A 141 2.99 0.06 8.40
CA SER A 141 3.89 1.07 7.88
C SER A 141 4.46 1.87 9.02
N LEU A 142 3.58 2.33 9.90
CA LEU A 142 3.96 3.12 11.06
C LEU A 142 4.97 2.35 11.91
N TYR A 143 4.62 1.11 12.25
CA TYR A 143 5.54 0.24 12.97
C TYR A 143 6.90 0.21 12.28
N ALA A 144 6.90 0.01 10.96
CA ALA A 144 8.16 -0.13 10.23
C ALA A 144 9.09 1.04 10.53
N SER A 145 8.53 2.22 10.78
CA SER A 145 9.30 3.42 11.06
C SER A 145 9.77 3.52 12.52
N GLY A 146 9.23 2.65 13.37
CA GLY A 146 9.65 2.58 14.75
C GLY A 146 8.79 3.44 15.66
N ARG A 147 7.57 3.72 15.20
CA ARG A 147 6.64 4.54 15.95
C ARG A 147 5.36 3.77 16.23
N THR A 148 4.63 4.20 17.25
CA THR A 148 3.32 3.62 17.56
C THR A 148 2.25 4.72 17.59
N THR A 149 2.66 5.93 17.25
CA THR A 149 1.79 7.10 17.20
C THR A 149 2.17 7.99 16.01
N GLY A 150 1.19 8.36 15.20
CA GLY A 150 1.42 9.21 14.05
C GLY A 150 0.31 9.07 13.03
N ILE A 151 0.46 9.74 11.89
CA ILE A 151 -0.56 9.67 10.85
C ILE A 151 0.09 9.20 9.57
N VAL A 152 -0.43 8.10 9.03
CA VAL A 152 0.14 7.49 7.85
C VAL A 152 -0.56 7.97 6.59
N LEU A 153 0.21 8.12 5.52
CA LEU A 153 -0.35 8.34 4.20
C LEU A 153 0.00 7.14 3.37
N ASP A 154 -0.94 6.22 3.22
CA ASP A 154 -0.68 5.03 2.44
C ASP A 154 -1.32 5.20 1.09
N SER A 155 -0.51 5.10 0.05
CA SER A 155 -1.02 5.23 -1.31
C SER A 155 -0.39 4.19 -2.19
N GLY A 156 -1.20 3.21 -2.59
CA GLY A 156 -0.75 2.12 -3.44
C GLY A 156 -1.23 2.27 -4.87
N ASP A 157 -1.71 1.18 -5.43
CA ASP A 157 -2.10 1.20 -6.82
C ASP A 157 -3.58 1.59 -6.96
N GLY A 158 -4.41 1.20 -5.99
CA GLY A 158 -5.84 1.38 -6.12
C GLY A 158 -6.50 2.45 -5.28
N VAL A 159 -5.99 2.68 -4.07
CA VAL A 159 -6.60 3.63 -3.13
C VAL A 159 -5.57 4.37 -2.29
N THR A 160 -6.00 5.47 -1.68
CA THR A 160 -5.16 6.26 -0.77
C THR A 160 -5.87 6.52 0.54
N HIS A 161 -5.22 6.24 1.67
CA HIS A 161 -5.80 6.55 2.98
C HIS A 161 -4.93 7.47 3.82
N ASN A 162 -5.57 8.28 4.64
CA ASN A 162 -4.92 8.91 5.76
C ASN A 162 -5.36 8.16 7.01
N VAL A 163 -4.41 7.63 7.78
CA VAL A 163 -4.75 6.87 8.97
C VAL A 163 -4.08 7.42 10.21
N PRO A 164 -4.85 8.08 11.09
CA PRO A 164 -4.35 8.52 12.41
C PRO A 164 -4.28 7.35 13.40
N ILE A 165 -3.14 7.21 14.07
CA ILE A 165 -2.92 6.09 14.98
C ILE A 165 -2.33 6.56 16.31
N TYR A 166 -2.88 6.03 17.40
CA TYR A 166 -2.44 6.43 18.72
C TYR A 166 -2.23 5.20 19.58
N GLU A 167 -0.96 4.95 19.90
CA GLU A 167 -0.56 3.83 20.74
C GLU A 167 -1.01 2.50 20.15
N GLY A 168 -0.65 2.28 18.89
CA GLY A 168 -0.90 1.03 18.21
C GLY A 168 -2.31 0.84 17.70
N TYR A 169 -3.21 1.73 18.10
CA TYR A 169 -4.59 1.63 17.66
C TYR A 169 -4.93 2.74 16.67
N ALA A 170 -5.54 2.37 15.56
CA ALA A 170 -6.00 3.34 14.58
C ALA A 170 -7.25 4.04 15.10
N LEU A 171 -7.59 5.17 14.49
CA LEU A 171 -8.76 5.93 14.89
C LEU A 171 -9.76 6.03 13.73
N PRO A 172 -10.76 5.14 13.71
CA PRO A 172 -11.65 4.92 12.58
C PRO A 172 -12.50 6.14 12.23
N HIS A 173 -12.85 6.93 13.24
CA HIS A 173 -13.67 8.11 13.02
C HIS A 173 -12.91 9.14 12.20
N ALA A 174 -11.59 9.04 12.22
CA ALA A 174 -10.72 10.06 11.63
C ALA A 174 -10.02 9.64 10.33
N ILE A 175 -10.36 8.47 9.82
CA ILE A 175 -9.73 7.95 8.61
C ILE A 175 -10.29 8.63 7.35
N MET A 176 -9.40 9.08 6.47
CA MET A 176 -9.82 9.67 5.20
C MET A 176 -9.47 8.75 4.02
N ARG A 177 -10.47 8.37 3.23
CA ARG A 177 -10.25 7.52 2.05
C ARG A 177 -10.34 8.33 0.77
N LEU A 178 -9.47 8.01 -0.18
CA LEU A 178 -9.36 8.75 -1.43
C LEU A 178 -9.15 7.76 -2.60
N ASP A 179 -10.18 7.59 -3.42
CA ASP A 179 -10.13 6.58 -4.48
C ASP A 179 -9.27 7.00 -5.66
N LEU A 180 -8.09 7.50 -5.34
CA LEU A 180 -7.17 7.99 -6.36
C LEU A 180 -5.79 7.49 -6.01
N ALA A 181 -5.24 6.63 -6.85
CA ALA A 181 -3.89 6.14 -6.63
C ALA A 181 -3.13 5.97 -7.94
N GLY A 182 -2.07 5.17 -7.91
CA GLY A 182 -1.17 5.03 -9.04
C GLY A 182 -1.79 4.50 -10.32
N ARG A 183 -2.82 3.66 -10.18
CA ARG A 183 -3.48 3.08 -11.33
C ARG A 183 -4.15 4.14 -12.20
N ASP A 184 -4.56 5.23 -11.58
CA ASP A 184 -5.22 6.32 -12.29
C ASP A 184 -4.23 7.42 -12.68
N LEU A 185 -3.06 7.39 -12.07
CA LEU A 185 -2.04 8.39 -12.35
C LEU A 185 -1.35 7.94 -13.63
N THR A 186 -1.13 6.63 -13.73
CA THR A 186 -0.62 6.03 -14.94
C THR A 186 -1.61 6.27 -16.07
N ASP A 187 -2.89 6.21 -15.74
CA ASP A 187 -3.92 6.48 -16.73
C ASP A 187 -3.78 7.92 -17.22
N TYR A 188 -3.75 8.84 -16.27
CA TYR A 188 -3.63 10.26 -16.59
C TYR A 188 -2.44 10.54 -17.49
N LEU A 189 -1.29 9.94 -17.14
CA LEU A 189 -0.07 10.14 -17.91
C LEU A 189 -0.19 9.58 -19.32
N MET A 190 -0.76 8.38 -19.41
CA MET A 190 -1.02 7.77 -20.70
C MET A 190 -1.87 8.70 -21.57
N LYS A 191 -2.86 9.32 -20.94
CA LYS A 191 -3.76 10.23 -21.64
C LYS A 191 -2.98 11.40 -22.24
N ILE A 192 -2.38 12.20 -21.38
CA ILE A 192 -1.61 13.37 -21.82
C ILE A 192 -0.60 12.98 -22.91
N LEU A 193 0.31 12.07 -22.56
CA LEU A 193 1.33 11.62 -23.50
C LEU A 193 0.77 11.52 -24.92
N THR A 194 -0.42 10.94 -25.02
CA THR A 194 -1.02 10.64 -26.31
C THR A 194 -1.54 11.92 -26.94
N GLU A 195 -2.08 12.80 -26.10
CA GLU A 195 -2.62 14.07 -26.57
C GLU A 195 -1.53 14.92 -27.20
N ARG A 196 -0.32 14.36 -27.30
CA ARG A 196 0.81 15.07 -27.89
C ARG A 196 1.41 14.25 -29.03
N GLY A 197 0.59 13.37 -29.61
CA GLY A 197 1.04 12.53 -30.70
C GLY A 197 1.73 11.20 -30.46
N TYR A 198 1.64 10.71 -29.24
CA TYR A 198 2.25 9.44 -28.87
C TYR A 198 1.23 8.32 -28.81
N SER A 199 1.18 7.51 -29.86
CA SER A 199 0.23 6.40 -29.91
C SER A 199 0.48 5.40 -28.80
N PHE A 200 -0.43 5.36 -27.83
CA PHE A 200 -0.31 4.45 -26.70
C PHE A 200 -1.59 3.66 -26.49
N VAL A 201 -1.46 2.34 -26.34
CA VAL A 201 -2.62 1.48 -26.14
C VAL A 201 -2.24 0.62 -24.93
N THR A 202 -2.92 -0.51 -24.78
CA THR A 202 -2.65 -1.42 -23.66
C THR A 202 -1.82 -2.67 -23.92
N THR A 203 -1.78 -3.11 -25.16
CA THR A 203 -1.01 -4.30 -25.53
C THR A 203 0.26 -4.41 -24.71
N ALA A 204 1.11 -3.39 -24.80
CA ALA A 204 2.36 -3.36 -24.06
C ALA A 204 2.70 -1.94 -23.62
N GLU A 205 2.05 -0.96 -24.25
CA GLU A 205 2.27 0.44 -23.92
C GLU A 205 1.99 0.71 -22.45
N ARG A 206 0.76 0.41 -22.01
CA ARG A 206 0.37 0.60 -20.63
C ARG A 206 1.54 0.28 -19.69
N GLU A 207 2.34 -0.70 -20.07
CA GLU A 207 3.50 -1.09 -19.27
C GLU A 207 4.57 -0.01 -19.29
N ILE A 208 4.88 0.50 -20.48
CA ILE A 208 5.88 1.55 -20.63
C ILE A 208 5.46 2.81 -19.90
N VAL A 209 4.21 3.23 -20.10
CA VAL A 209 3.69 4.42 -19.46
C VAL A 209 3.90 4.37 -17.95
N ARG A 210 3.86 3.16 -17.39
CA ARG A 210 4.07 3.01 -15.95
C ARG A 210 5.54 3.17 -15.59
N ASP A 211 6.42 2.67 -16.46
CA ASP A 211 7.85 2.79 -16.22
C ASP A 211 8.29 4.23 -16.33
N ILE A 212 7.79 4.92 -17.35
CA ILE A 212 8.06 6.35 -17.47
C ILE A 212 7.61 7.05 -16.19
N LYS A 213 6.46 6.66 -15.67
CA LYS A 213 5.94 7.25 -14.46
C LYS A 213 6.93 7.14 -13.32
N GLU A 214 7.42 5.93 -13.06
CA GLU A 214 8.25 5.71 -11.88
C GLU A 214 9.70 6.15 -12.10
N LYS A 215 10.06 6.37 -13.35
CA LYS A 215 11.42 6.78 -13.68
C LYS A 215 11.56 8.30 -13.81
N LEU A 216 10.52 8.96 -14.32
CA LEU A 216 10.66 10.36 -14.71
C LEU A 216 9.78 11.34 -13.94
N CYS A 217 8.66 10.87 -13.41
CA CYS A 217 7.76 11.77 -12.70
C CYS A 217 8.29 12.19 -11.34
N TYR A 218 7.91 13.39 -10.93
CA TYR A 218 8.30 13.92 -9.63
C TYR A 218 7.31 14.99 -9.27
N VAL A 219 7.38 15.46 -8.03
CA VAL A 219 6.44 16.46 -7.55
C VAL A 219 7.10 17.82 -7.52
N ALA A 220 6.39 18.84 -7.97
CA ALA A 220 6.90 20.21 -7.92
C ALA A 220 6.66 20.76 -6.53
N LEU A 221 7.62 21.53 -6.04
CA LEU A 221 7.48 22.17 -4.74
C LEU A 221 6.49 23.31 -4.91
N ASP A 222 6.51 23.91 -6.10
CA ASP A 222 5.57 24.98 -6.43
C ASP A 222 5.11 24.80 -7.87
N PHE A 223 3.92 24.22 -8.03
CA PHE A 223 3.39 23.87 -9.34
C PHE A 223 3.32 25.05 -10.31
N GLU A 224 2.68 26.14 -9.89
CA GLU A 224 2.64 27.34 -10.72
C GLU A 224 4.05 27.78 -11.07
N ASN A 225 4.90 27.81 -10.07
CA ASN A 225 6.28 28.22 -10.29
C ASN A 225 7.05 27.25 -11.19
N GLU A 226 6.81 25.96 -11.00
CA GLU A 226 7.48 24.93 -11.80
C GLU A 226 7.03 24.94 -13.26
N MET A 227 5.78 25.29 -13.50
CA MET A 227 5.28 25.38 -14.87
C MET A 227 6.05 26.46 -15.64
N ALA A 228 6.23 27.61 -15.01
CA ALA A 228 6.91 28.74 -15.63
C ALA A 228 8.35 28.38 -16.00
N THR A 229 8.98 27.53 -15.18
CA THR A 229 10.35 27.12 -15.46
C THR A 229 10.39 26.30 -16.74
N ALA A 230 9.52 25.30 -16.83
CA ALA A 230 9.47 24.40 -18.00
C ALA A 230 8.90 25.09 -19.24
N ALA A 231 8.51 26.35 -19.09
CA ALA A 231 7.98 27.14 -20.19
C ALA A 231 9.03 28.09 -20.75
N SER A 232 10.02 28.43 -19.93
CA SER A 232 11.02 29.41 -20.32
C SER A 232 12.39 28.79 -20.63
N SER A 233 12.57 27.53 -20.23
CA SER A 233 13.81 26.80 -20.53
C SER A 233 13.56 25.30 -20.70
N SER A 234 14.63 24.55 -20.93
CA SER A 234 14.56 23.09 -21.09
C SER A 234 15.28 22.40 -19.93
N SER A 235 15.52 23.20 -18.90
CA SER A 235 15.96 22.77 -17.57
C SER A 235 15.38 21.40 -17.18
N LEU A 236 14.07 21.23 -17.42
CA LEU A 236 13.32 20.11 -16.88
C LEU A 236 12.95 19.02 -17.90
N GLU A 237 13.38 19.19 -19.14
CA GLU A 237 13.16 18.15 -20.15
C GLU A 237 13.92 16.89 -19.74
N LYS A 238 13.36 15.74 -20.03
CA LYS A 238 14.08 14.51 -19.87
C LYS A 238 13.67 13.59 -20.98
N SER A 239 14.48 12.59 -21.29
CA SER A 239 14.19 11.74 -22.44
C SER A 239 14.04 10.25 -22.12
N TYR A 240 13.26 9.58 -22.95
CA TYR A 240 12.97 8.15 -22.77
C TYR A 240 12.90 7.45 -24.12
N GLU A 241 13.83 6.54 -24.35
CA GLU A 241 13.82 5.75 -25.59
C GLU A 241 12.95 4.51 -25.44
N LEU A 242 11.91 4.43 -26.26
CA LEU A 242 11.07 3.26 -26.28
C LEU A 242 11.88 2.14 -26.84
N PRO A 243 11.34 0.96 -26.82
CA PRO A 243 12.09 -0.20 -27.26
C PRO A 243 11.98 -0.24 -28.76
N ASP A 244 10.82 0.10 -29.27
CA ASP A 244 10.67 0.22 -30.68
C ASP A 244 11.89 0.89 -31.24
N GLY A 245 12.32 1.92 -30.54
CA GLY A 245 13.43 2.76 -30.96
C GLY A 245 13.11 4.23 -30.77
N GLN A 246 11.92 4.62 -31.19
CA GLN A 246 11.44 5.99 -31.10
C GLN A 246 11.72 6.62 -29.74
N VAL A 247 12.59 7.62 -29.72
CA VAL A 247 12.85 8.35 -28.49
C VAL A 247 11.77 9.40 -28.29
N ILE A 248 11.47 9.71 -27.03
CA ILE A 248 10.50 10.76 -26.74
C ILE A 248 10.99 11.64 -25.61
N THR A 249 10.57 12.90 -25.62
CA THR A 249 11.00 13.84 -24.62
C THR A 249 9.84 14.26 -23.75
N ILE A 250 10.11 14.42 -22.46
CA ILE A 250 9.10 14.90 -21.52
C ILE A 250 9.60 16.15 -20.81
N GLY A 251 8.66 17.03 -20.48
CA GLY A 251 8.98 18.26 -19.76
C GLY A 251 8.09 18.44 -18.55
N ASN A 252 7.11 19.33 -18.66
CA ASN A 252 6.20 19.62 -17.57
C ASN A 252 5.30 18.44 -17.21
N GLU A 253 5.26 17.44 -18.09
CA GLU A 253 4.48 16.23 -17.85
C GLU A 253 5.06 15.42 -16.69
N ARG A 254 6.34 15.61 -16.42
CA ARG A 254 6.99 14.89 -15.34
C ARG A 254 6.39 15.23 -13.98
N PHE A 255 5.98 16.49 -13.81
CA PHE A 255 5.42 16.92 -12.53
C PHE A 255 3.92 17.18 -12.54
N ARG A 256 3.32 17.27 -13.72
CA ARG A 256 1.88 17.47 -13.83
C ARG A 256 1.11 16.20 -13.50
N CYS A 257 1.74 15.06 -13.73
CA CYS A 257 1.09 13.79 -13.47
C CYS A 257 0.92 13.56 -11.96
N PRO A 258 2.01 13.68 -11.18
CA PRO A 258 1.84 13.52 -9.73
C PRO A 258 1.02 14.64 -9.09
N GLU A 259 0.97 15.80 -9.69
CA GLU A 259 0.20 16.91 -9.13
C GLU A 259 -1.23 16.50 -8.86
N THR A 260 -1.71 15.46 -9.55
CA THR A 260 -3.08 15.02 -9.40
C THR A 260 -3.41 14.62 -7.96
N LEU A 261 -2.38 14.27 -7.20
CA LEU A 261 -2.53 13.90 -5.79
C LEU A 261 -2.91 15.08 -4.90
N PHE A 262 -2.50 16.27 -5.33
CA PHE A 262 -2.78 17.49 -4.60
C PHE A 262 -3.95 18.22 -5.24
N GLN A 263 -4.12 18.01 -6.54
CA GLN A 263 -5.25 18.58 -7.27
C GLN A 263 -5.96 17.51 -8.06
N PRO A 264 -6.87 16.76 -7.42
CA PRO A 264 -7.67 15.73 -8.10
C PRO A 264 -8.50 16.25 -9.27
N SER A 265 -8.79 17.54 -9.29
CA SER A 265 -9.53 18.14 -10.39
C SER A 265 -8.76 18.04 -11.71
N PHE A 266 -7.63 17.34 -11.71
CA PHE A 266 -6.88 17.08 -12.94
C PHE A 266 -7.45 15.89 -13.71
N ILE A 267 -8.00 14.93 -12.98
CA ILE A 267 -8.74 13.84 -13.59
C ILE A 267 -10.23 14.05 -13.34
N GLY A 268 -10.58 15.27 -12.97
CA GLY A 268 -11.97 15.66 -12.84
C GLY A 268 -12.67 15.10 -11.62
N MET A 269 -11.90 14.86 -10.57
CA MET A 269 -12.49 14.44 -9.31
C MET A 269 -12.67 15.66 -8.42
N GLU A 270 -13.92 15.92 -8.05
CA GLU A 270 -14.23 17.05 -7.19
C GLU A 270 -13.94 16.71 -5.72
N SER A 271 -12.92 15.88 -5.52
CA SER A 271 -12.42 15.55 -4.18
C SER A 271 -11.30 16.51 -3.81
N ALA A 272 -10.77 16.38 -2.59
CA ALA A 272 -9.70 17.28 -2.14
C ALA A 272 -8.37 16.54 -2.09
N GLY A 273 -7.26 17.28 -2.16
CA GLY A 273 -5.94 16.67 -2.26
C GLY A 273 -5.42 16.03 -0.99
N ILE A 274 -4.37 15.23 -1.12
CA ILE A 274 -3.83 14.48 0.02
C ILE A 274 -3.31 15.37 1.14
N HIS A 275 -2.93 16.61 0.84
CA HIS A 275 -2.53 17.52 1.90
C HIS A 275 -3.75 17.92 2.71
N GLU A 276 -4.82 18.24 2.02
CA GLU A 276 -6.06 18.59 2.69
C GLU A 276 -6.63 17.44 3.50
N THR A 277 -6.73 16.26 2.90
CA THR A 277 -7.25 15.11 3.63
C THR A 277 -6.36 14.76 4.80
N THR A 278 -5.06 15.02 4.68
CA THR A 278 -4.14 14.79 5.78
C THR A 278 -4.44 15.76 6.90
N TYR A 279 -4.67 17.02 6.53
CA TYR A 279 -4.97 18.05 7.51
C TYR A 279 -6.34 17.81 8.13
N ASN A 280 -7.32 17.49 7.29
CA ASN A 280 -8.66 17.19 7.74
C ASN A 280 -8.69 16.01 8.70
N SER A 281 -7.88 14.99 8.37
CA SER A 281 -7.79 13.79 9.18
C SER A 281 -7.28 14.10 10.58
N ILE A 282 -6.24 14.94 10.66
CA ILE A 282 -5.69 15.35 11.94
C ILE A 282 -6.72 16.15 12.73
N MET A 283 -7.31 17.16 12.08
CA MET A 283 -8.36 17.98 12.66
C MET A 283 -9.49 17.15 13.24
N LYS A 284 -9.65 15.94 12.74
CA LYS A 284 -10.71 15.03 13.16
C LYS A 284 -10.35 14.33 14.46
N CYS A 285 -9.13 14.58 14.95
CA CYS A 285 -8.62 13.90 16.15
C CYS A 285 -8.61 14.75 17.41
N ASP A 286 -8.43 14.09 18.54
CA ASP A 286 -8.30 14.73 19.84
C ASP A 286 -7.26 15.84 19.77
N ILE A 287 -7.60 17.02 20.28
CA ILE A 287 -6.71 18.17 20.14
C ILE A 287 -5.37 17.98 20.86
N ASP A 288 -5.34 17.02 21.77
CA ASP A 288 -4.16 16.80 22.60
C ASP A 288 -3.11 15.90 21.92
N ILE A 289 -3.53 15.17 20.91
CA ILE A 289 -2.63 14.27 20.20
C ILE A 289 -2.23 14.80 18.80
N ARG A 290 -2.74 15.97 18.45
CA ARG A 290 -2.40 16.57 17.18
C ARG A 290 -0.92 16.90 17.09
N LYS A 291 -0.36 17.42 18.16
CA LYS A 291 1.06 17.69 18.23
C LYS A 291 1.84 16.44 17.77
N ASP A 292 1.59 15.30 18.42
CA ASP A 292 2.25 14.04 18.07
C ASP A 292 2.05 13.65 16.60
N LEU A 293 0.85 13.88 16.09
CA LEU A 293 0.52 13.50 14.73
C LEU A 293 1.23 14.37 13.70
N TYR A 294 1.14 15.69 13.86
CA TYR A 294 1.78 16.61 12.95
C TYR A 294 3.26 16.31 12.79
N ALA A 295 3.89 15.84 13.86
CA ALA A 295 5.33 15.60 13.86
C ALA A 295 5.65 14.15 13.51
N ASN A 296 4.66 13.42 13.00
CA ASN A 296 4.87 12.03 12.64
C ASN A 296 4.05 11.59 11.44
N ASN A 297 4.18 12.30 10.34
CA ASN A 297 3.63 11.86 9.06
C ASN A 297 4.51 10.81 8.45
N VAL A 298 4.06 9.57 8.51
CA VAL A 298 4.78 8.50 7.85
C VAL A 298 4.10 8.17 6.54
N MET A 299 4.87 8.15 5.46
CA MET A 299 4.34 7.82 4.15
C MET A 299 4.68 6.42 3.70
N SER A 300 3.68 5.71 3.19
CA SER A 300 3.92 4.38 2.66
C SER A 300 3.19 4.17 1.35
N GLY A 301 3.59 3.12 0.64
CA GLY A 301 2.99 2.80 -0.64
C GLY A 301 3.91 3.21 -1.77
N GLY A 302 3.64 2.67 -2.95
CA GLY A 302 4.49 2.92 -4.10
C GLY A 302 4.19 4.24 -4.76
N THR A 303 3.02 4.81 -4.47
CA THR A 303 2.62 6.07 -5.08
C THR A 303 3.17 7.24 -4.27
N THR A 304 3.81 6.95 -3.15
CA THR A 304 4.47 8.00 -2.37
C THR A 304 5.96 8.12 -2.73
N MET A 305 6.40 7.30 -3.68
CA MET A 305 7.82 7.19 -4.03
C MET A 305 8.36 8.35 -4.88
N TYR A 306 7.47 9.28 -5.24
CA TYR A 306 7.88 10.37 -6.12
C TYR A 306 8.87 11.28 -5.42
N PRO A 307 9.99 11.59 -6.09
CA PRO A 307 10.92 12.59 -5.57
C PRO A 307 10.21 13.92 -5.36
N GLY A 308 10.50 14.61 -4.27
CA GLY A 308 9.90 15.90 -4.00
C GLY A 308 8.58 15.88 -3.25
N ILE A 309 7.97 14.70 -3.13
CA ILE A 309 6.67 14.61 -2.45
C ILE A 309 6.77 14.89 -0.96
N ALA A 310 7.89 14.55 -0.35
CA ALA A 310 8.07 14.75 1.07
C ALA A 310 8.03 16.24 1.42
N ASP A 311 8.77 17.04 0.64
CA ASP A 311 8.91 18.46 0.92
C ASP A 311 7.71 19.25 0.49
N ARG A 312 7.02 18.77 -0.54
CA ARG A 312 5.80 19.43 -0.97
C ARG A 312 4.80 19.30 0.16
N MET A 313 4.71 18.09 0.70
CA MET A 313 3.80 17.82 1.79
C MET A 313 4.16 18.67 3.00
N GLN A 314 5.45 18.72 3.32
CA GLN A 314 5.93 19.53 4.43
C GLN A 314 5.47 20.98 4.26
N LYS A 315 5.62 21.50 3.04
CA LYS A 315 5.25 22.87 2.77
C LYS A 315 3.74 23.07 2.90
N GLU A 316 2.98 22.21 2.22
CA GLU A 316 1.52 22.33 2.21
C GLU A 316 0.89 22.29 3.60
N ILE A 317 1.38 21.38 4.43
CA ILE A 317 0.87 21.21 5.77
C ILE A 317 1.25 22.36 6.71
N THR A 318 2.45 22.91 6.52
CA THR A 318 2.87 24.03 7.33
C THR A 318 1.93 25.20 7.09
N ALA A 319 1.33 25.22 5.91
CA ALA A 319 0.49 26.34 5.53
C ALA A 319 -0.93 26.17 6.04
N LEU A 320 -1.37 24.92 6.19
CA LEU A 320 -2.72 24.63 6.65
C LEU A 320 -2.82 24.70 8.17
N ALA A 321 -1.74 24.33 8.85
CA ALA A 321 -1.74 24.18 10.31
C ALA A 321 -1.36 25.46 11.04
N PRO A 322 -1.52 25.46 12.38
CA PRO A 322 -1.02 26.52 13.25
C PRO A 322 0.46 26.80 13.04
N SER A 323 0.86 28.06 13.22
CA SER A 323 2.22 28.50 12.94
C SER A 323 3.19 27.96 13.96
N THR A 324 2.66 27.57 15.11
CA THR A 324 3.48 27.16 16.25
C THR A 324 3.82 25.68 16.23
N MET A 325 2.99 24.89 15.54
CA MET A 325 3.18 23.45 15.50
C MET A 325 4.38 23.04 14.66
N LYS A 326 5.16 22.11 15.20
CA LYS A 326 6.28 21.53 14.49
C LYS A 326 5.74 20.41 13.60
N ILE A 327 5.99 20.51 12.29
CA ILE A 327 5.56 19.49 11.34
C ILE A 327 6.74 18.58 11.01
N LYS A 328 6.45 17.34 10.63
CA LYS A 328 7.50 16.45 10.17
C LYS A 328 6.98 15.34 9.27
N ILE A 329 7.65 15.16 8.14
CA ILE A 329 7.32 14.13 7.18
C ILE A 329 8.42 13.09 7.21
N ILE A 330 8.06 11.83 7.31
CA ILE A 330 9.04 10.76 7.28
C ILE A 330 8.83 9.92 6.02
N ALA A 331 9.79 9.97 5.10
CA ALA A 331 9.69 9.22 3.87
C ALA A 331 10.77 8.14 3.79
N PRO A 332 10.52 7.00 4.45
CA PRO A 332 11.44 5.87 4.38
C PRO A 332 11.74 5.51 2.93
N PRO A 333 13.02 5.31 2.61
CA PRO A 333 13.41 4.94 1.24
C PRO A 333 12.84 3.56 0.88
N GLU A 334 12.37 2.84 1.89
CA GLU A 334 11.82 1.51 1.70
C GLU A 334 10.30 1.50 1.78
N ARG A 335 9.69 2.67 1.64
CA ARG A 335 8.27 2.82 1.93
C ARG A 335 7.39 2.14 0.89
N LYS A 336 7.98 1.83 -0.25
CA LYS A 336 7.31 1.03 -1.25
C LYS A 336 6.85 -0.29 -0.61
N TYR A 337 7.65 -0.76 0.36
CA TYR A 337 7.40 -2.04 1.05
C TYR A 337 7.19 -1.89 2.55
N SER A 338 7.01 -0.66 3.02
CA SER A 338 6.79 -0.41 4.45
C SER A 338 5.81 -1.39 5.07
N VAL A 339 4.60 -1.43 4.51
CA VAL A 339 3.55 -2.28 5.04
C VAL A 339 4.06 -3.69 5.28
N TRP A 340 4.55 -4.34 4.23
CA TRP A 340 5.10 -5.69 4.37
C TRP A 340 6.20 -5.77 5.43
N ILE A 341 7.11 -4.79 5.42
CA ILE A 341 8.20 -4.76 6.39
C ILE A 341 7.60 -4.62 7.78
N GLY A 342 6.65 -3.71 7.92
CA GLY A 342 5.98 -3.52 9.18
C GLY A 342 5.50 -4.84 9.72
N GLY A 343 4.94 -5.68 8.83
CA GLY A 343 4.45 -6.99 9.21
C GLY A 343 5.56 -7.97 9.52
N SER A 344 6.54 -8.04 8.62
CA SER A 344 7.75 -8.82 8.85
C SER A 344 8.29 -8.62 10.26
N ILE A 345 8.38 -7.35 10.70
CA ILE A 345 8.85 -7.06 12.06
C ILE A 345 7.90 -7.62 13.11
N LEU A 346 6.67 -7.12 13.11
CA LEU A 346 5.70 -7.55 14.08
C LEU A 346 5.80 -9.05 14.33
N ALA A 347 5.47 -9.83 13.30
CA ALA A 347 5.36 -11.28 13.39
C ALA A 347 6.55 -11.96 14.07
N SER A 348 7.70 -11.30 14.08
CA SER A 348 8.91 -11.93 14.59
C SER A 348 9.15 -11.61 16.07
N LEU A 349 8.52 -10.55 16.56
CA LEU A 349 8.66 -10.11 17.95
C LEU A 349 8.05 -11.11 18.93
N SER A 350 8.68 -11.25 20.09
CA SER A 350 8.24 -12.25 21.06
C SER A 350 7.03 -11.84 21.89
N THR A 351 6.89 -10.55 22.18
CA THR A 351 5.72 -10.05 22.90
C THR A 351 4.48 -10.17 22.04
N PHE A 352 4.67 -10.59 20.79
CA PHE A 352 3.58 -10.72 19.82
C PHE A 352 3.08 -12.15 19.75
N GLN A 353 3.94 -13.11 20.10
CA GLN A 353 3.61 -14.53 19.93
C GLN A 353 2.35 -14.98 20.67
N GLN A 354 1.88 -14.18 21.61
CA GLN A 354 0.63 -14.51 22.32
C GLN A 354 -0.59 -13.92 21.61
N MET A 355 -0.35 -13.07 20.61
CA MET A 355 -1.40 -12.37 19.89
C MET A 355 -1.98 -13.16 18.71
N TRP A 356 -1.36 -14.31 18.41
CA TRP A 356 -1.80 -15.14 17.30
C TRP A 356 -3.20 -15.74 17.56
N ILE A 357 -3.99 -15.86 16.50
CA ILE A 357 -5.24 -16.60 16.58
C ILE A 357 -4.93 -18.04 16.21
N THR A 358 -5.18 -18.95 17.14
CA THR A 358 -4.91 -20.36 16.91
C THR A 358 -6.12 -21.06 16.30
N LYS A 359 -5.87 -22.10 15.54
CA LYS A 359 -6.92 -22.91 14.93
C LYS A 359 -7.86 -23.40 16.03
N GLN A 360 -7.27 -23.74 17.17
CA GLN A 360 -8.02 -24.17 18.34
C GLN A 360 -9.00 -23.09 18.76
N GLU A 361 -8.51 -21.87 18.90
CA GLU A 361 -9.35 -20.76 19.35
C GLU A 361 -10.52 -20.57 18.39
N TYR A 362 -10.24 -20.73 17.11
CA TYR A 362 -11.22 -20.58 16.04
C TYR A 362 -12.27 -21.70 16.05
N ASP A 363 -11.82 -22.91 16.36
CA ASP A 363 -12.70 -24.08 16.39
C ASP A 363 -13.70 -24.01 17.55
N GLU A 364 -13.33 -23.31 18.61
CA GLU A 364 -14.18 -23.18 19.78
C GLU A 364 -15.20 -22.07 19.60
N ALA A 365 -14.71 -20.86 19.35
CA ALA A 365 -15.57 -19.68 19.26
C ALA A 365 -16.25 -19.52 17.91
N GLY A 366 -15.45 -19.47 16.84
CA GLY A 366 -15.95 -19.20 15.50
C GLY A 366 -15.15 -18.07 14.85
N PRO A 367 -15.51 -17.73 13.59
CA PRO A 367 -14.83 -16.68 12.83
C PRO A 367 -14.77 -15.33 13.57
N SER A 368 -15.67 -15.14 14.52
CA SER A 368 -15.81 -13.88 15.27
C SER A 368 -14.71 -13.69 16.31
N ILE A 369 -13.88 -14.72 16.48
CA ILE A 369 -12.78 -14.67 17.44
C ILE A 369 -11.61 -13.86 16.91
N VAL A 370 -11.92 -12.87 16.07
CA VAL A 370 -10.90 -12.02 15.50
C VAL A 370 -11.35 -10.56 15.47
N HIS A 371 -11.82 -10.08 16.62
CA HIS A 371 -12.30 -8.71 16.74
C HIS A 371 -12.18 -8.20 18.18
N ARG A 372 -11.14 -7.40 18.43
CA ARG A 372 -10.91 -6.85 19.76
C ARG A 372 -10.92 -5.33 19.73
N LYS A 373 -11.30 -4.73 20.86
CA LYS A 373 -11.34 -3.27 20.97
C LYS A 373 -10.23 -2.85 21.92
N CYS A 374 -10.39 -1.70 22.55
CA CYS A 374 -9.39 -1.19 23.49
C CYS A 374 -8.58 -0.17 22.69
N SER B 1 -5.21 -6.61 22.16
CA SER B 1 -5.20 -7.56 23.27
C SER B 1 -6.02 -7.04 24.45
N CYS B 2 -5.80 -5.80 24.82
CA CYS B 2 -6.51 -5.19 25.93
C CYS B 2 -6.11 -5.48 27.38
N ASN B 3 -4.81 -5.63 27.60
CA ASN B 3 -4.29 -5.91 28.94
C ASN B 3 -2.91 -5.33 29.24
N GLU B 4 -2.22 -5.92 30.20
CA GLU B 4 -0.89 -5.46 30.59
C GLU B 4 0.06 -6.21 29.66
N ASP B 5 -0.37 -6.41 28.42
CA ASP B 5 0.44 -7.10 27.43
C ASP B 5 0.64 -6.25 26.18
N HIS B 6 -0.28 -5.31 25.96
CA HIS B 6 -0.22 -4.42 24.81
C HIS B 6 0.94 -3.43 24.95
N SER B 7 1.26 -3.04 26.18
CA SER B 7 2.27 -2.02 26.41
C SER B 7 3.68 -2.51 26.12
N LYS B 8 3.91 -3.80 26.32
CA LYS B 8 5.23 -4.40 26.10
C LYS B 8 5.46 -4.64 24.62
N LEU B 9 4.43 -5.12 23.92
CA LEU B 9 4.46 -5.23 22.49
C LEU B 9 4.85 -3.88 21.89
N MET B 10 4.11 -2.85 22.30
CA MET B 10 4.37 -1.49 21.86
C MET B 10 5.81 -1.09 22.07
N GLU B 11 6.27 -1.29 23.30
CA GLU B 11 7.61 -0.89 23.69
C GLU B 11 8.62 -1.64 22.83
N GLN B 12 8.37 -2.93 22.63
CA GLN B 12 9.26 -3.77 21.83
C GLN B 12 9.38 -3.23 20.42
N ILE B 13 8.26 -2.83 19.84
CA ILE B 13 8.24 -2.30 18.48
C ILE B 13 9.19 -1.11 18.33
N ARG B 14 8.92 -0.06 19.10
CA ARG B 14 9.74 1.15 19.06
C ARG B 14 11.23 0.81 19.19
N GLN B 15 11.52 -0.22 19.98
CA GLN B 15 12.90 -0.64 20.21
C GLN B 15 13.63 -0.87 18.88
N GLY B 16 12.93 -1.47 17.93
CA GLY B 16 13.51 -1.75 16.62
C GLY B 16 13.79 -3.23 16.43
N VAL B 17 14.57 -3.55 15.41
CA VAL B 17 14.91 -4.94 15.12
C VAL B 17 15.74 -5.06 13.84
N LYS B 18 16.50 -6.14 13.74
CA LYS B 18 17.28 -6.43 12.55
C LYS B 18 16.47 -7.43 11.72
N LEU B 19 16.69 -7.44 10.42
CA LEU B 19 15.95 -8.31 9.53
C LEU B 19 16.87 -9.03 8.55
N LYS B 20 16.84 -10.36 8.57
CA LYS B 20 17.69 -11.16 7.68
C LYS B 20 17.74 -10.56 6.28
N SER B 21 18.94 -10.31 5.81
CA SER B 21 19.08 -9.67 4.55
C SER B 21 19.09 -10.70 3.45
N ALA B 22 18.41 -10.36 2.37
CA ALA B 22 18.38 -11.20 1.20
C ALA B 22 19.13 -10.50 0.06
PG ATP C . -3.18 -0.46 -2.77
O1G ATP C . -3.59 0.82 -3.45
O2G ATP C . -2.25 -0.24 -1.61
O3G ATP C . -4.32 -1.41 -2.50
PB ATP C . -0.85 -1.90 -3.59
O1B ATP C . -0.73 -2.29 -2.13
O2B ATP C . -0.67 -3.00 -4.61
O3B ATP C . -2.31 -1.24 -3.86
PA ATP C . 1.72 -0.59 -3.70
O1A ATP C . 2.02 0.13 -2.40
O2A ATP C . 2.31 -1.98 -3.90
O3A ATP C . 0.12 -0.64 -3.92
O5' ATP C . 2.22 0.34 -4.90
C5' ATP C . 1.96 0.01 -6.26
C4' ATP C . 1.90 1.32 -7.06
O4' ATP C . 3.02 2.16 -6.73
C3' ATP C . 1.94 1.07 -8.56
O3' ATP C . 0.77 1.69 -9.12
C2' ATP C . 3.19 1.76 -9.05
O2' ATP C . 2.98 2.48 -10.26
C1' ATP C . 3.52 2.74 -7.94
N9 ATP C . 4.98 2.98 -7.90
C8 ATP C . 5.92 2.06 -7.62
N7 ATP C . 7.17 2.60 -7.67
C5 ATP C . 7.02 3.90 -8.00
C6 ATP C . 7.92 5.05 -8.22
N6 ATP C . 9.26 4.89 -8.11
N1 ATP C . 7.37 6.23 -8.56
C2 ATP C . 6.03 6.39 -8.68
N3 ATP C . 5.16 5.38 -8.49
C4 ATP C . 5.58 4.14 -8.16
CA CA D . -1.63 -1.87 -0.19
#